data_3TYT
#
_entry.id   3TYT
#
_cell.length_a   127.424
_cell.length_b   127.424
_cell.length_c   80.652
_cell.angle_alpha   90.000
_cell.angle_beta   90.000
_cell.angle_gamma   120.000
#
_symmetry.space_group_name_H-M   'P 64 2 2'
#
loop_
_entity.id
_entity.type
_entity.pdbx_description
1 polymer 'Heterogeneous nuclear ribonucleoprotein L'
2 non-polymer 'CHLORIDE ION'
3 non-polymer 1,2-ETHANEDIOL
4 water water
#
_entity_poly.entity_id   1
_entity_poly.type   'polypeptide(L)'
_entity_poly.pdbx_seq_one_letter_code
;GADSPVLMVYGLDQSKMNCDRVFNVFCLYGNVEKVKFMKSKPGAAMVEMADGYAVDRAITHLNNNFMFGQKMNVCVSKQP
AIMPGQSYGLEDGSCSYKDFSESRNNRFSTPEQAAKNRIQHPSNVLHFFNAPLEVTEENFFEICDELGVKRPTSVKVFSG
KSERSSSGLLEWDSKSDALETLGFLNHYQMKNPNGPYPYTLKLCF
;
_entity_poly.pdbx_strand_id   A
#
loop_
_chem_comp.id
_chem_comp.type
_chem_comp.name
_chem_comp.formula
CL non-polymer 'CHLORIDE ION' 'Cl -1'
EDO non-polymer 1,2-ETHANEDIOL 'C2 H6 O2'
#
# COMPACT_ATOMS: atom_id res chain seq x y z
N ALA A 2 -8.74 17.79 -7.51
CA ALA A 2 -10.18 17.64 -7.13
C ALA A 2 -10.56 18.72 -6.13
N ASP A 3 -11.85 18.96 -5.98
CA ASP A 3 -12.34 20.01 -5.07
C ASP A 3 -12.20 19.66 -3.58
N SER A 4 -11.96 18.38 -3.27
CA SER A 4 -11.93 17.92 -1.88
C SER A 4 -10.76 16.94 -1.71
N PRO A 5 -10.15 16.90 -0.51
CA PRO A 5 -9.10 15.92 -0.19
C PRO A 5 -9.61 14.56 0.27
N VAL A 6 -10.93 14.37 0.28
CA VAL A 6 -11.54 13.12 0.70
C VAL A 6 -12.02 12.29 -0.50
N LEU A 7 -11.72 11.00 -0.48
CA LEU A 7 -12.28 10.13 -1.50
C LEU A 7 -13.03 9.02 -0.82
N MET A 8 -13.85 8.35 -1.59
CA MET A 8 -14.51 7.15 -1.14
C MET A 8 -14.01 5.97 -1.97
N VAL A 9 -13.77 4.85 -1.30
CA VAL A 9 -13.40 3.60 -1.91
C VAL A 9 -14.43 2.55 -1.62
N TYR A 10 -14.99 1.96 -2.67
CA TYR A 10 -16.03 0.93 -2.53
C TYR A 10 -15.50 -0.34 -3.18
N GLY A 11 -16.09 -1.48 -2.81
CA GLY A 11 -15.65 -2.77 -3.31
C GLY A 11 -14.49 -3.38 -2.59
N LEU A 12 -14.22 -2.94 -1.36
CA LEU A 12 -13.21 -3.58 -0.51
C LEU A 12 -13.71 -4.95 -0.01
N ASP A 13 -12.76 -5.87 0.21
CA ASP A 13 -13.06 -7.17 0.84
C ASP A 13 -13.07 -7.01 2.37
N GLN A 14 -14.25 -7.21 2.98
CA GLN A 14 -14.38 -6.95 4.39
C GLN A 14 -13.53 -7.82 5.31
N SER A 15 -13.23 -9.05 4.89
CA SER A 15 -12.44 -9.97 5.74
C SER A 15 -10.94 -9.70 5.64
N LYS A 16 -10.53 -9.04 4.56
CA LYS A 16 -9.11 -8.84 4.26
C LYS A 16 -8.62 -7.44 4.67
N MET A 17 -9.48 -6.44 4.54
CA MET A 17 -8.98 -5.05 4.57
C MET A 17 -9.13 -4.42 5.96
N ASN A 18 -8.24 -3.50 6.25
CA ASN A 18 -8.28 -2.72 7.44
C ASN A 18 -7.60 -1.39 7.17
N CYS A 19 -7.51 -0.52 8.18
CA CYS A 19 -6.94 0.82 7.93
C CYS A 19 -5.52 0.79 7.43
N ASP A 20 -4.67 -0.02 8.06
CA ASP A 20 -3.26 -0.10 7.64
C ASP A 20 -3.12 -0.61 6.20
N ARG A 21 -3.93 -1.59 5.83
CA ARG A 21 -3.85 -2.18 4.50
C ARG A 21 -4.34 -1.20 3.45
N VAL A 22 -5.33 -0.37 3.78
CA VAL A 22 -5.77 0.70 2.88
C VAL A 22 -4.66 1.75 2.71
N PHE A 23 -4.08 2.17 3.81
CA PHE A 23 -2.92 3.07 3.78
C PHE A 23 -1.85 2.47 2.86
N ASN A 24 -1.58 1.18 3.03
CA ASN A 24 -0.48 0.51 2.31
C ASN A 24 -0.65 0.53 0.81
N VAL A 25 -1.90 0.64 0.33
CA VAL A 25 -2.20 0.82 -1.07
C VAL A 25 -2.16 2.33 -1.48
N PHE A 26 -2.90 3.15 -0.75
CA PHE A 26 -3.12 4.55 -1.15
C PHE A 26 -1.88 5.43 -0.97
N CYS A 27 -0.99 5.06 -0.05
CA CYS A 27 0.22 5.85 0.19
C CYS A 27 1.13 5.93 -1.01
N LEU A 28 0.91 5.10 -2.02
CA LEU A 28 1.67 5.17 -3.24
C LEU A 28 1.45 6.49 -3.99
N TYR A 29 0.25 7.07 -3.81
CA TYR A 29 -0.23 8.16 -4.64
C TYR A 29 -0.28 9.52 -3.94
N GLY A 30 -0.14 9.52 -2.63
CA GLY A 30 -0.02 10.75 -1.89
C GLY A 30 0.01 10.49 -0.40
N ASN A 31 0.12 11.56 0.38
CA ASN A 31 -0.01 11.48 1.82
C ASN A 31 -1.42 11.10 2.17
N VAL A 32 -1.52 10.07 3.02
CA VAL A 32 -2.77 9.62 3.58
C VAL A 32 -2.92 10.17 4.99
N GLU A 33 -4.02 10.90 5.23
CA GLU A 33 -4.27 11.50 6.54
C GLU A 33 -5.14 10.66 7.44
N LYS A 34 -6.23 10.11 6.89
CA LYS A 34 -7.19 9.35 7.68
C LYS A 34 -7.82 8.28 6.85
N VAL A 35 -8.11 7.14 7.47
CA VAL A 35 -8.98 6.12 6.88
C VAL A 35 -10.10 5.79 7.84
N LYS A 36 -11.33 5.74 7.31
CA LYS A 36 -12.51 5.46 8.11
C LYS A 36 -13.43 4.45 7.43
N PHE A 37 -13.54 3.26 8.03
CA PHE A 37 -14.53 2.26 7.60
C PHE A 37 -15.89 2.61 8.20
N MET A 38 -16.93 2.26 7.47
CA MET A 38 -18.26 2.72 7.76
C MET A 38 -19.13 1.51 8.00
N LYS A 39 -19.67 1.40 9.22
CA LYS A 39 -20.49 0.26 9.63
CA LYS A 39 -20.42 0.21 9.57
C LYS A 39 -21.64 0.03 8.65
N SER A 40 -22.26 1.13 8.23
CA SER A 40 -23.46 1.09 7.38
C SER A 40 -23.20 0.85 5.90
N LYS A 41 -21.95 0.98 5.45
CA LYS A 41 -21.60 0.76 4.04
C LYS A 41 -20.50 -0.30 3.95
N PRO A 42 -20.88 -1.59 4.11
CA PRO A 42 -19.88 -2.66 4.05
C PRO A 42 -19.07 -2.64 2.75
N GLY A 43 -17.77 -2.85 2.89
CA GLY A 43 -16.84 -2.81 1.74
C GLY A 43 -16.38 -1.41 1.32
N ALA A 44 -16.82 -0.38 2.04
CA ALA A 44 -16.45 0.99 1.70
C ALA A 44 -15.66 1.65 2.82
N ALA A 45 -14.75 2.53 2.42
CA ALA A 45 -14.02 3.33 3.40
C ALA A 45 -13.87 4.70 2.80
N MET A 46 -13.80 5.68 3.68
CA MET A 46 -13.45 7.06 3.32
CA MET A 46 -13.45 7.05 3.32
C MET A 46 -11.95 7.19 3.56
N VAL A 47 -11.26 7.89 2.67
CA VAL A 47 -9.82 8.13 2.81
C VAL A 47 -9.56 9.61 2.58
N GLU A 48 -8.98 10.27 3.56
CA GLU A 48 -8.61 11.65 3.39
C GLU A 48 -7.15 11.70 3.03
N MET A 49 -6.86 12.19 1.83
CA MET A 49 -5.49 12.46 1.41
C MET A 49 -5.07 13.88 1.77
N ALA A 50 -3.81 14.21 1.50
CA ALA A 50 -3.30 15.53 1.90
C ALA A 50 -3.96 16.68 1.10
N ASP A 51 -4.30 16.40 -0.16
CA ASP A 51 -4.85 17.40 -1.05
C ASP A 51 -5.59 16.75 -2.24
N GLY A 52 -6.26 17.59 -3.05
CA GLY A 52 -7.03 17.10 -4.17
C GLY A 52 -6.19 16.55 -5.31
N TYR A 53 -4.93 16.97 -5.41
CA TYR A 53 -4.01 16.42 -6.41
C TYR A 53 -3.75 14.93 -6.09
N ALA A 54 -3.59 14.63 -4.80
CA ALA A 54 -3.39 13.26 -4.33
C ALA A 54 -4.66 12.43 -4.56
N VAL A 55 -5.83 13.02 -4.29
CA VAL A 55 -7.08 12.33 -4.58
C VAL A 55 -7.15 11.96 -6.07
N ASP A 56 -6.84 12.93 -6.93
CA ASP A 56 -6.92 12.69 -8.37
C ASP A 56 -5.97 11.58 -8.78
N ARG A 57 -4.75 11.59 -8.26
CA ARG A 57 -3.80 10.52 -8.61
C ARG A 57 -4.29 9.16 -8.17
N ALA A 58 -4.84 9.09 -6.96
CA ALA A 58 -5.37 7.83 -6.47
C ALA A 58 -6.51 7.35 -7.34
N ILE A 59 -7.43 8.22 -7.72
CA ILE A 59 -8.57 7.81 -8.56
C ILE A 59 -8.12 7.29 -9.91
N THR A 60 -7.25 8.06 -10.55
CA THR A 60 -6.82 7.72 -11.89
C THR A 60 -6.02 6.41 -11.93
N HIS A 61 -5.35 6.06 -10.84
CA HIS A 61 -4.55 4.85 -10.80
C HIS A 61 -5.22 3.65 -10.16
N LEU A 62 -6.16 3.85 -9.22
CA LEU A 62 -6.78 2.73 -8.51
C LEU A 62 -8.23 2.45 -8.86
N ASN A 63 -8.97 3.43 -9.37
CA ASN A 63 -10.33 3.16 -9.79
C ASN A 63 -10.38 2.03 -10.82
N ASN A 64 -11.35 1.13 -10.64
N ASN A 64 -11.34 1.13 -10.68
CA ASN A 64 -11.72 0.00 -11.50
CA ASN A 64 -11.54 0.08 -11.64
C ASN A 64 -10.83 -1.26 -11.41
C ASN A 64 -10.35 -0.88 -11.66
N ASN A 65 -9.89 -1.26 -10.48
CA ASN A 65 -8.98 -2.38 -10.32
C ASN A 65 -9.62 -3.45 -9.46
N PHE A 66 -9.50 -4.69 -9.90
CA PHE A 66 -9.93 -5.85 -9.11
C PHE A 66 -8.93 -6.22 -8.02
N MET A 67 -9.47 -6.58 -6.85
CA MET A 67 -8.71 -7.04 -5.72
C MET A 67 -9.69 -7.95 -4.97
N PHE A 68 -9.23 -9.15 -4.66
CA PHE A 68 -10.05 -10.18 -3.99
C PHE A 68 -11.43 -10.43 -4.61
N GLY A 69 -11.46 -10.44 -5.94
CA GLY A 69 -12.66 -10.81 -6.63
C GLY A 69 -13.65 -9.69 -6.80
N GLN A 70 -13.30 -8.48 -6.35
CA GLN A 70 -14.21 -7.36 -6.44
C GLN A 70 -13.57 -6.22 -7.16
N LYS A 71 -14.36 -5.49 -7.93
CA LYS A 71 -13.87 -4.30 -8.54
C LYS A 71 -13.88 -3.16 -7.53
N MET A 72 -12.70 -2.64 -7.24
CA MET A 72 -12.58 -1.46 -6.42
CA MET A 72 -12.60 -1.45 -6.43
C MET A 72 -13.04 -0.24 -7.23
N ASN A 73 -13.85 0.60 -6.62
CA ASN A 73 -14.15 1.89 -7.22
C ASN A 73 -13.67 2.97 -6.28
N VAL A 74 -13.01 3.95 -6.85
CA VAL A 74 -12.45 5.07 -6.13
C VAL A 74 -12.96 6.35 -6.77
N CYS A 75 -13.56 7.22 -5.95
CA CYS A 75 -14.19 8.43 -6.46
C CYS A 75 -14.12 9.55 -5.43
N VAL A 76 -14.32 10.78 -5.90
CA VAL A 76 -14.31 11.93 -5.01
C VAL A 76 -15.50 11.86 -4.03
N SER A 77 -15.26 12.31 -2.81
CA SER A 77 -16.34 12.47 -1.82
C SER A 77 -16.78 13.93 -1.83
N LYS A 78 -18.04 14.17 -1.47
CA LYS A 78 -18.54 15.53 -1.30
C LYS A 78 -18.20 16.14 0.07
N GLN A 79 -17.60 15.35 0.96
CA GLN A 79 -17.23 15.86 2.28
C GLN A 79 -15.89 16.57 2.18
N PRO A 80 -15.73 17.68 2.92
CA PRO A 80 -14.45 18.39 2.98
C PRO A 80 -13.40 17.74 3.91
N ALA A 81 -13.84 16.89 4.83
CA ALA A 81 -12.97 16.28 5.86
C ALA A 81 -13.63 15.01 6.43
N ILE A 82 -12.81 14.14 7.01
CA ILE A 82 -13.30 12.95 7.74
C ILE A 82 -13.17 13.22 9.23
N MET A 83 -14.19 12.80 9.99
CA MET A 83 -14.21 12.88 11.44
C MET A 83 -14.47 11.49 12.03
N PRO A 84 -13.74 11.12 13.10
CA PRO A 84 -14.07 9.83 13.73
C PRO A 84 -15.54 9.75 14.15
N GLY A 85 -16.21 8.67 13.81
CA GLY A 85 -17.62 8.49 14.15
C GLY A 85 -17.71 7.64 15.40
N GLN A 86 -18.61 6.67 15.38
CA GLN A 86 -18.69 5.64 16.40
C GLN A 86 -17.77 4.51 15.96
N SER A 87 -16.55 4.48 16.51
CA SER A 87 -15.54 3.52 16.07
C SER A 87 -15.91 2.11 16.53
N TYR A 88 -15.54 1.12 15.70
CA TYR A 88 -15.81 -0.28 15.99
C TYR A 88 -14.65 -1.17 15.54
N GLY A 89 -14.65 -2.42 16.00
CA GLY A 89 -13.61 -3.38 15.65
C GLY A 89 -13.97 -4.06 14.34
N LEU A 90 -13.05 -4.01 13.37
CA LEU A 90 -13.24 -4.69 12.10
C LEU A 90 -13.19 -6.23 12.31
N GLU A 91 -13.51 -7.00 11.25
CA GLU A 91 -13.41 -8.48 11.30
C GLU A 91 -12.06 -9.02 11.82
N ASP A 92 -10.95 -8.37 11.46
CA ASP A 92 -9.62 -8.78 11.99
C ASP A 92 -9.25 -8.29 13.42
N GLY A 93 -10.14 -7.54 14.06
CA GLY A 93 -9.90 -7.04 15.42
C GLY A 93 -9.15 -5.71 15.48
N SER A 94 -9.07 -5.02 14.34
CA SER A 94 -8.42 -3.71 14.32
C SER A 94 -9.49 -2.61 14.27
N CYS A 95 -9.11 -1.38 14.63
CA CYS A 95 -10.09 -0.32 14.68
C CYS A 95 -10.54 0.19 13.32
N SER A 96 -11.80 0.62 13.26
CA SER A 96 -12.43 1.07 12.02
C SER A 96 -11.93 2.42 11.52
N TYR A 97 -11.25 3.17 12.40
CA TYR A 97 -10.77 4.51 12.13
C TYR A 97 -9.30 4.63 12.55
N LYS A 98 -8.51 5.27 11.69
CA LYS A 98 -7.15 5.56 12.00
C LYS A 98 -6.64 6.82 11.31
N ASP A 99 -5.90 7.62 12.09
CA ASP A 99 -5.29 8.84 11.61
C ASP A 99 -3.82 8.54 11.34
N PHE A 100 -3.40 8.72 10.08
CA PHE A 100 -2.04 8.47 9.63
C PHE A 100 -1.25 9.75 9.35
N SER A 101 -1.80 10.89 9.73
CA SER A 101 -1.16 12.17 9.40
C SER A 101 0.27 12.33 9.91
N GLU A 102 0.59 11.67 11.01
CA GLU A 102 1.94 11.76 11.54
C GLU A 102 2.83 10.54 11.20
N SER A 103 2.37 9.71 10.27
CA SER A 103 3.07 8.47 9.96
C SER A 103 4.41 8.74 9.30
N ARG A 104 5.48 8.10 9.79
CA ARG A 104 6.78 8.12 9.13
CA ARG A 104 6.76 8.20 9.09
C ARG A 104 6.76 7.51 7.74
N ASN A 105 5.75 6.70 7.47
CA ASN A 105 5.64 5.99 6.19
C ASN A 105 4.95 6.77 5.10
N ASN A 106 4.37 7.93 5.38
CA ASN A 106 3.94 8.79 4.30
C ASN A 106 5.16 9.25 3.49
N ARG A 107 4.98 9.38 2.19
CA ARG A 107 6.08 9.57 1.23
C ARG A 107 6.08 10.92 0.53
N PHE A 108 5.09 11.77 0.87
CA PHE A 108 4.90 13.04 0.20
C PHE A 108 4.92 14.20 1.20
N SER A 109 5.72 14.06 2.26
CA SER A 109 5.64 15.04 3.36
C SER A 109 6.33 16.38 3.12
N THR A 110 7.30 16.41 2.22
CA THR A 110 7.87 17.65 1.68
C THR A 110 7.73 17.61 0.15
N PRO A 111 7.70 18.79 -0.50
CA PRO A 111 7.61 18.83 -1.95
C PRO A 111 8.75 18.09 -2.63
N GLU A 112 9.96 18.16 -2.05
CA GLU A 112 11.15 17.48 -2.57
CA GLU A 112 11.11 17.48 -2.63
C GLU A 112 10.96 15.95 -2.51
N GLN A 113 10.47 15.46 -1.37
CA GLN A 113 10.21 14.02 -1.19
C GLN A 113 9.09 13.54 -2.10
N ALA A 114 8.04 14.34 -2.19
CA ALA A 114 6.89 14.01 -3.02
C ALA A 114 7.28 13.72 -4.45
N ALA A 115 8.19 14.53 -4.99
CA ALA A 115 8.59 14.41 -6.39
C ALA A 115 9.36 13.14 -6.71
N LYS A 116 9.94 12.49 -5.72
CA LYS A 116 10.71 11.26 -5.96
C LYS A 116 9.87 10.01 -6.11
N ASN A 117 8.60 10.07 -5.79
CA ASN A 117 7.75 8.88 -5.86
C ASN A 117 7.34 8.53 -7.29
N ARG A 118 7.51 7.26 -7.63
CA ARG A 118 6.93 6.74 -8.87
C ARG A 118 5.41 6.79 -8.78
N ILE A 119 4.77 7.20 -9.85
CA ILE A 119 3.31 7.28 -9.90
C ILE A 119 2.92 6.43 -11.14
N GLN A 120 2.60 5.17 -10.88
CA GLN A 120 2.33 4.19 -11.95
C GLN A 120 1.02 3.46 -11.73
N HIS A 121 0.46 2.97 -12.85
CA HIS A 121 -0.73 2.15 -12.74
C HIS A 121 -0.36 0.78 -12.24
N PRO A 122 -1.21 0.15 -11.43
CA PRO A 122 -0.97 -1.24 -11.07
C PRO A 122 -0.64 -2.13 -12.25
N SER A 123 0.29 -3.04 -12.05
CA SER A 123 0.70 -4.01 -13.02
C SER A 123 1.01 -5.33 -12.28
N ASN A 124 1.59 -6.29 -12.97
CA ASN A 124 1.78 -7.51 -12.18
CA ASN A 124 2.04 -7.61 -12.46
C ASN A 124 3.11 -7.49 -11.41
N VAL A 125 3.83 -6.36 -11.43
CA VAL A 125 5.10 -6.22 -10.69
C VAL A 125 5.02 -5.10 -9.70
N LEU A 126 5.46 -5.37 -8.47
CA LEU A 126 5.75 -4.32 -7.49
C LEU A 126 7.26 -4.12 -7.41
N HIS A 127 7.69 -2.86 -7.47
CA HIS A 127 9.05 -2.54 -7.13
C HIS A 127 9.18 -2.54 -5.61
N PHE A 128 10.34 -2.98 -5.11
CA PHE A 128 10.64 -2.84 -3.68
C PHE A 128 11.91 -2.06 -3.51
N PHE A 129 12.00 -1.40 -2.37
CA PHE A 129 13.23 -0.79 -1.96
C PHE A 129 13.31 -0.80 -0.43
N ASN A 130 14.49 -0.49 0.06
CA ASN A 130 14.79 -0.54 1.51
C ASN A 130 14.68 -1.91 2.13
N ALA A 131 14.99 -2.96 1.35
CA ALA A 131 15.11 -4.30 1.88
C ALA A 131 16.54 -4.52 2.37
N PRO A 132 16.76 -5.55 3.19
CA PRO A 132 18.11 -5.82 3.67
C PRO A 132 19.12 -6.04 2.54
N LEU A 133 20.36 -5.69 2.85
CA LEU A 133 21.46 -5.82 1.90
C LEU A 133 21.56 -7.20 1.20
N GLU A 134 21.47 -8.33 1.92
N GLU A 134 21.37 -8.27 2.00
CA GLU A 134 21.56 -9.62 1.23
CA GLU A 134 21.56 -9.67 1.59
C GLU A 134 20.22 -10.36 1.32
C GLU A 134 20.24 -10.38 1.22
N VAL A 135 19.17 -9.61 1.01
CA VAL A 135 17.84 -10.20 0.86
C VAL A 135 17.79 -11.20 -0.29
N THR A 136 16.97 -12.25 -0.13
CA THR A 136 16.83 -13.27 -1.16
C THR A 136 15.36 -13.42 -1.54
N GLU A 137 15.18 -14.04 -2.68
CA GLU A 137 13.83 -14.50 -3.11
C GLU A 137 13.19 -15.33 -2.03
N GLU A 138 13.92 -16.26 -1.43
CA GLU A 138 13.35 -17.12 -0.40
C GLU A 138 12.86 -16.32 0.81
N ASN A 139 13.57 -15.23 1.16
CA ASN A 139 13.16 -14.38 2.28
C ASN A 139 11.75 -13.84 1.98
N PHE A 140 11.50 -13.38 0.74
CA PHE A 140 10.20 -12.83 0.42
C PHE A 140 9.16 -13.96 0.41
N PHE A 141 9.54 -15.13 -0.08
CA PHE A 141 8.62 -16.27 -0.08
C PHE A 141 8.14 -16.57 1.33
N GLU A 142 9.06 -16.60 2.29
CA GLU A 142 8.70 -16.95 3.65
C GLU A 142 7.85 -15.89 4.35
N ILE A 143 8.08 -14.61 4.03
CA ILE A 143 7.26 -13.51 4.52
C ILE A 143 5.83 -13.60 3.97
N CYS A 144 5.71 -13.88 2.68
CA CYS A 144 4.37 -14.07 2.11
C CYS A 144 3.62 -15.23 2.78
N ASP A 145 4.32 -16.33 3.05
CA ASP A 145 3.69 -17.45 3.75
C ASP A 145 3.16 -17.00 5.13
N GLU A 146 3.99 -16.22 5.83
CA GLU A 146 3.64 -15.75 7.18
C GLU A 146 2.41 -14.85 7.14
N LEU A 147 2.31 -14.04 6.09
CA LEU A 147 1.24 -13.07 5.92
C LEU A 147 -0.02 -13.71 5.41
N GLY A 148 0.10 -14.91 4.83
CA GLY A 148 -1.05 -15.57 4.22
C GLY A 148 -1.40 -15.05 2.84
N VAL A 149 -0.43 -14.45 2.16
CA VAL A 149 -0.63 -13.92 0.81
C VAL A 149 0.15 -14.74 -0.23
N LYS A 150 -0.22 -14.58 -1.49
CA LYS A 150 0.37 -15.41 -2.53
CA LYS A 150 0.38 -15.40 -2.55
C LYS A 150 1.84 -15.04 -2.71
N ARG A 151 2.69 -16.06 -2.77
CA ARG A 151 4.11 -15.81 -3.07
C ARG A 151 4.21 -15.18 -4.47
N PRO A 152 5.14 -14.28 -4.67
CA PRO A 152 5.44 -13.88 -6.05
C PRO A 152 5.90 -15.07 -6.85
N THR A 153 5.63 -15.08 -8.16
CA THR A 153 6.20 -16.13 -8.99
CA THR A 153 6.19 -16.03 -9.07
C THR A 153 7.71 -15.96 -9.17
N SER A 154 8.21 -14.72 -9.10
CA SER A 154 9.62 -14.50 -9.19
C SER A 154 10.00 -13.22 -8.49
N VAL A 155 11.20 -13.22 -7.94
CA VAL A 155 11.83 -12.07 -7.28
C VAL A 155 13.16 -11.78 -7.94
N LYS A 156 13.32 -10.52 -8.33
CA LYS A 156 14.59 -9.98 -8.85
CA LYS A 156 14.62 -10.04 -8.81
C LYS A 156 15.14 -9.04 -7.79
N VAL A 157 16.38 -9.27 -7.35
CA VAL A 157 17.08 -8.28 -6.55
C VAL A 157 18.10 -7.60 -7.45
N PHE A 158 17.94 -6.30 -7.62
CA PHE A 158 18.88 -5.54 -8.48
C PHE A 158 20.29 -5.72 -7.95
N SER A 159 21.27 -5.93 -8.85
CA SER A 159 22.65 -6.18 -8.43
CA SER A 159 22.64 -6.18 -8.49
C SER A 159 23.34 -4.94 -7.90
N GLY A 160 23.01 -3.80 -8.48
CA GLY A 160 23.70 -2.57 -8.13
C GLY A 160 23.11 -1.98 -6.88
N LYS A 161 23.99 -1.66 -5.97
CA LYS A 161 23.58 -1.10 -4.67
C LYS A 161 24.54 0.00 -4.21
N SER A 162 23.94 1.17 -4.00
CA SER A 162 24.78 2.29 -3.55
CA SER A 162 24.58 2.39 -3.57
C SER A 162 24.63 2.56 -2.04
N GLU A 163 23.82 1.76 -1.35
CA GLU A 163 23.74 1.81 0.09
C GLU A 163 23.68 0.34 0.60
N ARG A 164 23.61 0.20 1.95
CA ARG A 164 23.50 -1.14 2.56
C ARG A 164 22.02 -1.54 2.61
N SER A 165 21.43 -1.65 1.44
CA SER A 165 20.05 -2.03 1.27
C SER A 165 19.86 -2.49 -0.15
N SER A 166 18.74 -3.13 -0.38
CA SER A 166 18.43 -3.72 -1.66
C SER A 166 17.12 -3.24 -2.22
N SER A 167 17.07 -3.20 -3.57
CA SER A 167 15.87 -2.91 -4.31
CA SER A 167 15.88 -2.87 -4.33
C SER A 167 15.68 -3.96 -5.40
N GLY A 168 14.48 -4.00 -5.95
CA GLY A 168 14.16 -5.06 -6.92
C GLY A 168 12.71 -5.07 -7.32
N LEU A 169 12.33 -6.26 -7.81
CA LEU A 169 11.03 -6.52 -8.35
C LEU A 169 10.42 -7.75 -7.78
N LEU A 170 9.13 -7.66 -7.46
CA LEU A 170 8.29 -8.81 -7.06
C LEU A 170 7.19 -8.98 -8.13
N GLU A 171 7.19 -10.15 -8.77
CA GLU A 171 6.30 -10.40 -9.90
C GLU A 171 5.29 -11.46 -9.56
N TRP A 172 4.03 -11.19 -9.92
CA TRP A 172 2.94 -12.20 -9.85
C TRP A 172 2.38 -12.48 -11.23
N ASP A 173 1.51 -13.50 -11.35
CA ASP A 173 0.97 -13.85 -12.64
C ASP A 173 -0.08 -12.87 -13.11
N SER A 174 -0.61 -12.07 -12.21
CA SER A 174 -1.64 -11.10 -12.52
CA SER A 174 -1.70 -11.14 -12.47
C SER A 174 -1.54 -9.84 -11.69
N LYS A 175 -2.08 -8.74 -12.25
CA LYS A 175 -2.30 -7.42 -11.58
CA LYS A 175 -2.12 -7.46 -11.52
C LYS A 175 -2.92 -7.56 -10.21
N SER A 176 -4.02 -8.30 -10.21
CA SER A 176 -4.83 -8.40 -9.02
C SER A 176 -4.05 -9.07 -7.88
N ASP A 177 -3.27 -10.09 -8.21
CA ASP A 177 -2.41 -10.70 -7.22
C ASP A 177 -1.41 -9.72 -6.59
N ALA A 178 -0.77 -8.87 -7.40
CA ALA A 178 0.13 -7.88 -6.92
C ALA A 178 -0.57 -6.84 -6.06
N LEU A 179 -1.72 -6.39 -6.48
CA LEU A 179 -2.48 -5.40 -5.71
C LEU A 179 -2.94 -5.95 -4.36
N GLU A 180 -3.47 -7.16 -4.38
CA GLU A 180 -3.85 -7.84 -3.14
C GLU A 180 -2.67 -7.94 -2.19
N THR A 181 -1.50 -8.27 -2.69
CA THR A 181 -0.32 -8.41 -1.87
C THR A 181 0.19 -7.08 -1.31
N LEU A 182 0.08 -6.03 -2.12
CA LEU A 182 0.59 -4.70 -1.73
C LEU A 182 0.04 -4.25 -0.39
N GLY A 183 -1.27 -4.46 -0.19
CA GLY A 183 -1.89 -4.01 1.04
C GLY A 183 -1.36 -4.72 2.27
N PHE A 184 -0.96 -5.97 2.11
CA PHE A 184 -0.44 -6.79 3.22
C PHE A 184 1.04 -6.65 3.51
N LEU A 185 1.81 -6.49 2.43
CA LEU A 185 3.28 -6.56 2.47
C LEU A 185 3.95 -5.19 2.61
N ASN A 186 3.32 -4.12 2.16
CA ASN A 186 3.97 -2.84 2.26
C ASN A 186 4.27 -2.53 3.75
N HIS A 187 5.48 -2.03 3.99
CA HIS A 187 5.96 -1.63 5.30
C HIS A 187 6.22 -2.76 6.26
N TYR A 188 6.37 -3.96 5.72
CA TYR A 188 6.75 -5.10 6.50
C TYR A 188 8.12 -4.84 7.15
N GLN A 189 8.25 -5.19 8.44
CA GLN A 189 9.53 -4.99 9.16
C GLN A 189 10.43 -6.18 8.97
N MET A 190 11.43 -6.01 8.10
CA MET A 190 12.31 -7.13 7.77
C MET A 190 13.47 -7.22 8.71
N LYS A 191 13.75 -8.45 9.16
CA LYS A 191 14.89 -8.71 10.00
C LYS A 191 16.19 -8.38 9.29
N ASN A 192 17.12 -7.85 10.05
CA ASN A 192 18.36 -7.44 9.47
C ASN A 192 19.55 -8.23 10.02
N PRO A 193 20.04 -9.22 9.25
CA PRO A 193 21.27 -9.92 9.63
C PRO A 193 22.45 -9.12 9.11
N ASN A 194 23.52 -9.03 9.87
CA ASN A 194 24.63 -8.10 9.57
C ASN A 194 24.05 -6.68 9.40
N GLY A 195 23.55 -6.18 10.52
CA GLY A 195 22.97 -4.84 10.61
C GLY A 195 22.20 -4.76 11.93
N PRO A 196 22.21 -3.59 12.59
CA PRO A 196 21.62 -3.53 13.94
C PRO A 196 20.11 -3.27 14.07
N TYR A 197 19.43 -2.73 13.05
CA TYR A 197 17.99 -2.32 13.12
C TYR A 197 17.21 -2.96 11.97
N PRO A 198 15.90 -3.24 12.15
CA PRO A 198 15.16 -3.83 11.04
C PRO A 198 14.89 -2.81 9.96
N TYR A 199 14.59 -3.30 8.78
CA TYR A 199 14.27 -2.44 7.67
C TYR A 199 12.79 -2.47 7.36
N THR A 200 12.22 -1.30 7.18
CA THR A 200 10.86 -1.13 6.71
C THR A 200 10.78 -1.26 5.18
N LEU A 201 10.24 -2.38 4.73
CA LEU A 201 10.15 -2.67 3.30
C LEU A 201 9.21 -1.64 2.64
N LYS A 202 9.64 -1.09 1.53
CA LYS A 202 8.86 -0.09 0.77
CA LYS A 202 8.82 -0.14 0.79
C LYS A 202 8.48 -0.67 -0.60
N LEU A 203 7.20 -0.65 -0.92
CA LEU A 203 6.71 -1.12 -2.24
C LEU A 203 6.04 -0.03 -3.03
N CYS A 204 6.15 -0.12 -4.36
CA CYS A 204 5.36 0.78 -5.22
C CYS A 204 5.19 0.13 -6.58
N PHE A 205 4.32 0.70 -7.41
CA PHE A 205 4.22 0.28 -8.81
C PHE A 205 5.25 1.02 -9.70
CL CL B . 14.04 1.46 7.78
CL CL C . 6.73 7.84 -12.33
CL CL D . -9.50 -10.30 -8.45
CL CL E . 12.22 -10.82 7.81
C1 EDO F . -16.16 -9.21 1.23
O1 EDO F . -16.82 -7.97 1.00
C2 EDO F . -16.55 -9.81 2.57
O2 EDO F . -15.45 -10.50 3.19
C1 EDO G . 0.56 1.39 7.70
O1 EDO G . 1.18 0.13 7.45
C2 EDO G . 1.68 2.45 7.62
O2 EDO G . 2.69 2.16 8.57
C1 EDO H . 1.50 -15.85 -9.21
O1 EDO H . 0.51 -14.83 -8.95
C2 EDO H . 2.54 -16.00 -8.08
O2 EDO H . 2.09 -16.80 -7.00
C1 EDO I . 10.88 -4.20 13.92
O1 EDO I . 9.99 -3.10 13.91
C2 EDO I . 10.21 -5.57 14.10
O2 EDO I . 11.16 -6.58 13.72
C1 EDO J . -0.55 8.76 13.00
O1 EDO J . -0.88 10.11 12.70
C2 EDO J . 0.91 8.42 12.81
O2 EDO J . 1.19 7.13 13.34
C1 EDO K . 21.01 -3.00 -11.06
O1 EDO K . 21.77 -3.83 -11.96
C2 EDO K . 19.75 -2.34 -11.65
O2 EDO K . 19.07 -3.07 -12.68
C1 EDO L . -3.92 -15.45 -0.95
O1 EDO L . -4.82 -14.59 -0.24
C2 EDO L . -3.79 -16.83 -0.28
O2 EDO L . -2.55 -17.48 -0.65
C1 EDO M . -7.15 -6.75 -12.07
O1 EDO M . -7.95 -5.63 -12.55
C2 EDO M . -6.79 -7.88 -13.05
O2 EDO M . -5.80 -8.97 -12.70
C1 EDO N . -4.73 -0.09 -14.08
O1 EDO N . -3.89 -1.13 -13.53
C2 EDO N . -5.27 0.98 -13.12
O2 EDO N . -5.09 2.34 -13.55
C1 EDO O . 6.30 0.86 10.12
O1 EDO O . 7.42 1.71 9.90
C2 EDO O . 6.55 -0.56 9.65
O2 EDO O . 5.34 -1.33 9.51
C1 EDO P . -7.65 20.65 -2.09
O1 EDO P . -6.29 20.60 -2.54
C2 EDO P . -7.89 19.77 -0.86
O2 EDO P . -6.99 20.05 0.23
#